data_5OVU
#
_entry.id   5OVU
#
_cell.length_a   96.496
_cell.length_b   96.496
_cell.length_c   75.894
_cell.angle_alpha   90.00
_cell.angle_beta   90.00
_cell.angle_gamma   120.00
#
_symmetry.space_group_name_H-M   'P 6'
#
loop_
_entity.id
_entity.type
_entity.pdbx_description
1 polymer 'BETA-PROTEOBACTERIA PROTEASOME HOMOLOGUE'
2 non-polymer 'MALONATE ION'
3 water water
#
_entity_poly.entity_id   1
_entity_poly.type   'polypeptide(L)'
_entity_poly.pdbx_seq_one_letter_code
;TTCVVVRKGDEVAIGADALVTFGDTRLSRAYERNQKVIPVGDSFVGLAGTTAHFPVMRSLLTGMGEECRLHTRDDVFRTF
LKVHEKLKNEYFINTKEDEDDPYESSQIVCLIANSGGIFGVYSYREVFSFDRFWGIGSGRNYALGAMHAVYDRTDLDAGA
IARIGVEAGIEFDKSSAAPIDVHTVRLQVATNKDGAA
;
_entity_poly.pdbx_strand_id   A,B
#
# COMPACT_ATOMS: atom_id res chain seq x y z
N THR A 1 4.28 12.05 -0.31
CA THR A 1 5.60 11.65 0.29
C THR A 1 5.67 10.14 0.54
N THR A 2 6.84 9.58 0.28
CA THR A 2 7.19 8.23 0.73
C THR A 2 8.55 8.32 1.41
N CYS A 3 8.56 8.09 2.73
CA CYS A 3 9.79 8.05 3.51
C CYS A 3 9.82 6.74 4.28
N VAL A 4 10.96 6.05 4.26
CA VAL A 4 11.11 4.77 4.94
C VAL A 4 12.39 4.71 5.76
N VAL A 5 12.40 3.84 6.75
CA VAL A 5 13.61 3.51 7.51
C VAL A 5 13.74 1.99 7.54
N VAL A 6 14.98 1.50 7.52
CA VAL A 6 15.24 0.07 7.48
C VAL A 6 16.40 -0.27 8.42
N ARG A 7 16.32 -1.45 9.03
CA ARG A 7 17.39 -1.97 9.86
C ARG A 7 17.62 -3.44 9.50
N LYS A 8 18.87 -3.79 9.20
CA LYS A 8 19.22 -5.17 8.86
C LYS A 8 20.71 -5.37 9.07
N GLY A 9 21.07 -6.36 9.89
CA GLY A 9 22.46 -6.69 10.17
C GLY A 9 23.13 -5.62 11.02
N ASP A 10 24.23 -5.07 10.52
CA ASP A 10 24.97 -4.02 11.21
C ASP A 10 24.74 -2.62 10.60
N GLU A 11 23.70 -2.49 9.79
CA GLU A 11 23.43 -1.25 9.05
C GLU A 11 21.97 -0.83 9.19
N VAL A 12 21.73 0.49 9.20
CA VAL A 12 20.39 1.03 9.04
C VAL A 12 20.37 1.96 7.83
N ALA A 13 19.18 2.22 7.31
CA ALA A 13 19.02 3.11 6.17
C ALA A 13 17.77 3.96 6.31
N ILE A 14 17.81 5.16 5.71
CA ILE A 14 16.63 6.01 5.58
C ILE A 14 16.49 6.39 4.10
N GLY A 15 15.27 6.28 3.59
CA GLY A 15 14.99 6.58 2.19
C GLY A 15 13.81 7.52 2.04
N ALA A 16 13.88 8.42 1.06
CA ALA A 16 12.80 9.38 0.80
C ALA A 16 12.70 9.75 -0.67
N ASP A 17 11.51 10.15 -1.09
CA ASP A 17 11.29 10.69 -2.43
C ASP A 17 11.61 12.19 -2.43
N ALA A 18 11.44 12.85 -3.58
CA ALA A 18 11.85 14.25 -3.71
C ALA A 18 10.71 15.26 -3.93
N LEU A 19 9.47 14.78 -4.12
CA LEU A 19 8.37 15.69 -4.48
C LEU A 19 8.05 16.67 -3.35
N VAL A 20 8.02 17.96 -3.68
CA VAL A 20 7.61 19.01 -2.75
C VAL A 20 6.59 19.93 -3.43
N THR A 21 5.52 20.23 -2.71
CA THR A 21 4.41 21.01 -3.27
C THR A 21 3.89 22.05 -2.27
N PHE A 22 3.36 23.14 -2.80
CA PHE A 22 2.50 24.03 -2.03
C PHE A 22 1.08 23.68 -2.42
N GLY A 23 0.45 22.81 -1.63
CA GLY A 23 -0.87 22.28 -1.97
C GLY A 23 -0.80 21.34 -3.16
N ASP A 24 -1.59 21.64 -4.19
CA ASP A 24 -1.60 20.85 -5.43
C ASP A 24 -0.56 21.31 -6.45
N THR A 25 0.06 22.48 -6.22
CA THR A 25 1.03 23.05 -7.17
C THR A 25 2.45 22.60 -6.82
N ARG A 26 3.10 21.94 -7.78
CA ARG A 26 4.46 21.45 -7.58
C ARG A 26 5.50 22.59 -7.54
N LEU A 27 6.48 22.43 -6.66
CA LEU A 27 7.60 23.36 -6.52
C LEU A 27 8.88 22.68 -7.00
N SER A 28 9.52 23.26 -8.01
CA SER A 28 10.79 22.74 -8.53
C SER A 28 11.95 23.22 -7.66
N ARG A 29 12.90 22.33 -7.38
CA ARG A 29 14.01 22.63 -6.48
C ARG A 29 15.37 22.23 -7.07
N GLU A 32 19.13 21.95 -6.24
CA GLU A 32 19.03 21.76 -4.79
C GLU A 32 18.90 20.28 -4.43
N ARG A 33 19.39 19.94 -3.23
CA ARG A 33 19.34 18.57 -2.72
C ARG A 33 17.95 18.31 -2.11
N ASN A 34 17.66 17.04 -1.80
CA ASN A 34 16.41 16.63 -1.14
C ASN A 34 16.06 17.53 0.05
N GLN A 35 14.84 18.04 0.07
CA GLN A 35 14.40 18.99 1.09
C GLN A 35 13.83 18.33 2.35
N LYS A 36 13.26 17.14 2.22
CA LYS A 36 12.55 16.51 3.35
C LYS A 36 13.40 15.57 4.22
N VAL A 37 14.64 15.29 3.81
CA VAL A 37 15.56 14.51 4.64
C VAL A 37 16.69 15.43 5.14
N ILE A 38 16.84 15.50 6.47
CA ILE A 38 17.73 16.47 7.10
C ILE A 38 18.84 15.75 7.88
N PRO A 39 20.11 16.14 7.65
CA PRO A 39 21.16 15.68 8.54
C PRO A 39 21.17 16.51 9.84
N VAL A 40 21.03 15.82 10.97
CA VAL A 40 21.03 16.46 12.29
C VAL A 40 22.11 15.79 13.13
N GLY A 41 23.28 16.43 13.18
CA GLY A 41 24.46 15.82 13.80
C GLY A 41 24.90 14.64 12.94
N ASP A 42 24.87 13.44 13.52
CA ASP A 42 25.20 12.21 12.78
C ASP A 42 23.96 11.32 12.59
N SER A 43 22.77 11.91 12.74
CA SER A 43 21.51 11.23 12.43
C SER A 43 20.92 11.81 11.14
N PHE A 44 19.95 11.10 10.58
CA PHE A 44 19.17 11.61 9.45
C PHE A 44 17.69 11.59 9.83
N VAL A 45 17.00 12.71 9.60
CA VAL A 45 15.59 12.87 9.98
C VAL A 45 14.75 13.15 8.74
N GLY A 46 13.70 12.35 8.54
CA GLY A 46 12.80 12.51 7.40
C GLY A 46 11.48 13.10 7.84
N LEU A 47 11.13 14.26 7.28
CA LEU A 47 9.96 15.03 7.75
C LEU A 47 8.66 14.64 7.07
N ALA A 48 7.64 14.38 7.89
CA ALA A 48 6.28 14.13 7.39
C ALA A 48 5.56 15.46 7.18
N GLY A 49 4.44 15.41 6.45
CA GLY A 49 3.55 16.56 6.31
C GLY A 49 3.91 17.53 5.20
N THR A 50 3.20 18.66 5.18
CA THR A 50 3.30 19.65 4.11
C THR A 50 4.66 20.36 4.04
N THR A 51 5.08 20.68 2.82
CA THR A 51 6.32 21.42 2.57
C THR A 51 6.34 22.77 3.28
N ALA A 52 5.17 23.39 3.42
CA ALA A 52 5.02 24.70 4.05
C ALA A 52 5.59 24.76 5.48
N HIS A 53 5.61 23.64 6.19
CA HIS A 53 6.13 23.60 7.57
C HIS A 53 7.57 23.09 7.72
N PHE A 54 8.26 22.87 6.61
CA PHE A 54 9.65 22.37 6.64
C PHE A 54 10.68 23.38 7.18
N PRO A 55 10.60 24.66 6.76
CA PRO A 55 11.67 25.60 7.12
C PRO A 55 11.92 25.78 8.63
N VAL A 56 10.86 25.91 9.42
CA VAL A 56 11.01 26.05 10.87
C VAL A 56 11.61 24.78 11.49
N MET A 57 11.12 23.62 11.07
CA MET A 57 11.62 22.33 11.58
C MET A 57 13.10 22.09 11.24
N ARG A 58 13.49 22.42 10.00
CA ARG A 58 14.89 22.31 9.59
C ARG A 58 15.77 23.25 10.41
N SER A 59 15.29 24.48 10.58
CA SER A 59 16.03 25.52 11.33
C SER A 59 16.18 25.16 12.81
N LEU A 60 15.15 24.56 13.39
CA LEU A 60 15.12 24.20 14.80
C LEU A 60 16.06 23.02 15.09
N LEU A 61 15.91 21.94 14.33
CA LEU A 61 16.67 20.72 14.56
C LEU A 61 18.18 20.87 14.29
N THR A 62 18.52 21.58 13.21
CA THR A 62 19.92 21.78 12.84
C THR A 62 20.62 22.81 13.74
N GLY A 63 19.84 23.71 14.34
CA GLY A 63 20.37 24.71 15.26
C GLY A 63 20.65 24.20 16.66
N MET A 64 19.95 23.14 17.05
CA MET A 64 20.09 22.56 18.40
C MET A 64 21.51 22.10 18.69
N GLY A 65 22.04 21.24 17.81
CA GLY A 65 23.42 20.76 17.94
C GLY A 65 23.57 19.68 18.99
N GLU A 66 24.18 20.05 20.12
CA GLU A 66 24.54 19.09 21.16
C GLU A 66 23.32 18.63 21.99
N GLU A 67 22.37 19.52 22.21
CA GLU A 67 21.16 19.19 22.97
C GLU A 67 20.15 18.35 22.19
N CYS A 68 20.44 18.08 20.91
CA CYS A 68 19.63 17.18 20.09
C CYS A 68 20.25 15.79 20.08
N ARG A 69 19.86 14.96 21.05
CA ARG A 69 20.39 13.62 21.22
C ARG A 69 19.35 12.60 20.76
N LEU A 70 19.75 11.68 19.89
CA LEU A 70 18.80 10.82 19.18
C LEU A 70 19.14 9.32 19.13
N HIS A 71 20.15 8.88 19.86
CA HIS A 71 20.66 7.50 19.70
C HIS A 71 19.94 6.44 20.55
N THR A 72 19.01 6.86 21.40
CA THR A 72 18.14 5.93 22.13
C THR A 72 16.71 6.45 22.15
N ARG A 73 15.77 5.55 22.44
CA ARG A 73 14.33 5.87 22.47
C ARG A 73 14.04 6.98 23.49
N ASP A 74 14.62 6.86 24.67
CA ASP A 74 14.46 7.88 25.72
C ASP A 74 15.08 9.23 25.32
N ASP A 75 16.24 9.20 24.68
CA ASP A 75 16.90 10.43 24.22
C ASP A 75 16.06 11.14 23.16
N VAL A 76 15.58 10.38 22.18
CA VAL A 76 14.72 10.93 21.13
C VAL A 76 13.47 11.53 21.76
N PHE A 77 12.92 10.81 22.73
CA PHE A 77 11.74 11.27 23.47
C PHE A 77 11.97 12.61 24.17
N ARG A 78 13.01 12.70 24.99
CA ARG A 78 13.32 13.94 25.71
C ARG A 78 13.69 15.09 24.75
N THR A 79 14.38 14.76 23.65
CA THR A 79 14.77 15.76 22.66
C THR A 79 13.54 16.41 22.01
N PHE A 80 12.58 15.59 21.59
CA PHE A 80 11.39 16.11 20.91
C PHE A 80 10.36 16.77 21.85
N LEU A 81 10.41 16.44 23.15
CA LEU A 81 9.69 17.23 24.15
C LEU A 81 10.24 18.67 24.15
N LYS A 82 11.55 18.79 24.00
CA LYS A 82 12.22 20.09 23.95
C LYS A 82 11.91 20.81 22.63
N VAL A 83 11.78 20.05 21.54
CA VAL A 83 11.37 20.60 20.24
C VAL A 83 9.96 21.21 20.35
N HIS A 84 9.05 20.49 21.01
CA HIS A 84 7.70 21.01 21.28
C HIS A 84 7.72 22.35 22.03
N GLU A 85 8.53 22.43 23.09
CA GLU A 85 8.64 23.66 23.88
C GLU A 85 9.24 24.83 23.10
N LYS A 86 10.28 24.56 22.31
CA LYS A 86 10.89 25.58 21.46
C LYS A 86 9.91 26.11 20.40
N LEU A 87 9.17 25.21 19.76
CA LEU A 87 8.14 25.62 18.80
C LEU A 87 7.15 26.61 19.41
N LYS A 88 6.73 26.36 20.64
CA LYS A 88 5.75 27.21 21.34
C LYS A 88 6.37 28.54 21.81
N ASN A 89 7.51 28.46 22.48
CA ASN A 89 8.10 29.64 23.13
C ASN A 89 8.92 30.54 22.19
N GLU A 90 9.60 29.93 21.21
CA GLU A 90 10.44 30.69 20.29
C GLU A 90 9.73 31.04 18.98
N TYR A 91 9.01 30.07 18.41
CA TYR A 91 8.38 30.24 17.09
C TYR A 91 6.86 30.43 17.17
N PHE A 92 6.29 30.37 18.38
CA PHE A 92 4.87 30.59 18.59
C PHE A 92 3.98 29.66 17.76
N ILE A 93 4.37 28.38 17.71
CA ILE A 93 3.62 27.35 16.98
C ILE A 93 3.04 26.35 17.98
N ASN A 94 1.80 25.93 17.76
CA ASN A 94 1.11 25.00 18.65
C ASN A 94 1.20 23.55 18.18
N THR A 95 1.41 22.64 19.13
CA THR A 95 1.41 21.20 18.88
C THR A 95 0.72 20.47 20.03
N LYS A 96 -0.61 20.52 20.04
CA LYS A 96 -1.42 19.98 21.13
C LYS A 96 -1.55 18.47 20.96
N GLU A 97 -1.68 17.75 22.08
CA GLU A 97 -2.14 16.36 22.05
C GLU A 97 -3.22 16.14 23.09
N ASP A 98 -4.33 15.54 22.64
CA ASP A 98 -5.38 15.07 23.54
C ASP A 98 -5.36 13.55 23.54
N GLU A 99 -5.45 12.95 24.72
CA GLU A 99 -5.39 11.50 24.87
C GLU A 99 -6.58 10.79 24.21
N ASP A 100 -7.75 11.42 24.23
CA ASP A 100 -8.96 10.80 23.67
C ASP A 100 -9.06 10.85 22.13
N ASP A 101 -8.13 11.55 21.47
CA ASP A 101 -8.09 11.58 20.01
C ASP A 101 -7.68 10.23 19.44
N PRO A 102 -8.26 9.85 18.28
CA PRO A 102 -7.83 8.63 17.62
C PRO A 102 -6.56 8.85 16.82
N TYR A 103 -6.09 7.81 16.14
CA TYR A 103 -4.90 7.92 15.29
C TYR A 103 -5.16 8.89 14.13
N GLU A 104 -4.22 9.81 13.91
CA GLU A 104 -4.31 10.77 12.81
CA GLU A 104 -4.31 10.77 12.81
C GLU A 104 -2.95 10.91 12.13
N SER A 105 -2.94 10.81 10.80
CA SER A 105 -1.69 10.90 10.02
C SER A 105 -1.00 12.27 10.12
N SER A 106 -1.79 13.33 10.35
CA SER A 106 -1.25 14.68 10.49
C SER A 106 -0.48 14.92 11.81
N GLN A 107 -0.53 13.94 12.73
CA GLN A 107 0.24 14.00 13.97
C GLN A 107 1.65 13.37 13.85
N ILE A 108 1.93 12.73 12.72
CA ILE A 108 3.24 12.13 12.48
C ILE A 108 4.27 13.26 12.29
N VAL A 109 5.39 13.16 12.99
CA VAL A 109 6.43 14.19 12.91
C VAL A 109 7.55 13.77 11.96
N CYS A 110 8.18 12.62 12.24
CA CYS A 110 9.33 12.18 11.45
C CYS A 110 9.73 10.72 11.70
N LEU A 111 10.55 10.20 10.79
CA LEU A 111 11.31 8.98 11.00
C LEU A 111 12.76 9.36 11.21
N ILE A 112 13.49 8.54 11.96
CA ILE A 112 14.89 8.84 12.31
C ILE A 112 15.75 7.60 12.12
N ALA A 113 16.97 7.80 11.60
CA ALA A 113 17.95 6.73 11.42
C ALA A 113 19.33 7.19 11.87
N ASN A 114 19.96 6.40 12.75
CA ASN A 114 21.32 6.66 13.21
C ASN A 114 21.96 5.36 13.72
N SER A 115 23.18 5.45 14.25
CA SER A 115 23.90 4.25 14.73
C SER A 115 23.25 3.59 15.95
N GLY A 116 22.31 4.28 16.59
CA GLY A 116 21.54 3.72 17.69
C GLY A 116 20.33 2.89 17.27
N GLY A 117 19.87 3.07 16.03
CA GLY A 117 18.71 2.33 15.52
C GLY A 117 17.83 3.20 14.64
N ILE A 118 16.60 2.74 14.40
CA ILE A 118 15.63 3.48 13.60
C ILE A 118 14.38 3.78 14.42
N PHE A 119 13.88 5.01 14.32
CA PHE A 119 12.81 5.49 15.20
C PHE A 119 11.74 6.26 14.43
N GLY A 120 10.56 6.36 15.07
CA GLY A 120 9.47 7.20 14.58
C GLY A 120 8.90 8.04 15.72
N VAL A 121 8.50 9.27 15.41
CA VAL A 121 7.98 10.20 16.42
C VAL A 121 6.56 10.63 16.05
N TYR A 122 5.63 10.48 16.99
CA TYR A 122 4.22 10.83 16.79
C TYR A 122 3.81 11.91 17.78
N SER A 123 3.36 13.04 17.27
CA SER A 123 2.85 14.14 18.09
C SER A 123 3.88 14.72 19.06
N TYR A 124 5.16 14.64 18.68
CA TYR A 124 6.29 15.21 19.46
C TYR A 124 6.49 14.59 20.85
N ARG A 125 5.79 13.49 21.14
CA ARG A 125 5.74 12.94 22.49
C ARG A 125 5.84 11.41 22.53
N GLU A 126 5.23 10.74 21.55
CA GLU A 126 5.18 9.28 21.51
C GLU A 126 6.25 8.76 20.54
N VAL A 127 7.27 8.09 21.08
CA VAL A 127 8.39 7.62 20.28
C VAL A 127 8.42 6.09 20.19
N PHE A 128 8.58 5.59 18.97
CA PHE A 128 8.64 4.15 18.69
C PHE A 128 10.00 3.76 18.13
N SER A 129 10.41 2.53 18.43
CA SER A 129 11.60 1.93 17.83
C SER A 129 11.15 0.77 16.97
N PHE A 130 11.80 0.60 15.81
CA PHE A 130 11.43 -0.44 14.86
C PHE A 130 12.55 -1.46 14.70
N ASP A 131 12.18 -2.72 14.53
CA ASP A 131 13.14 -3.81 14.43
C ASP A 131 13.67 -4.02 13.01
N ARG A 132 12.77 -3.97 12.02
CA ARG A 132 13.12 -4.27 10.64
C ARG A 132 12.90 -3.07 9.70
N PHE A 133 11.68 -2.52 9.67
CA PHE A 133 11.37 -1.36 8.85
C PHE A 133 10.06 -0.68 9.21
N TRP A 134 9.90 0.55 8.72
CA TRP A 134 8.61 1.24 8.71
C TRP A 134 8.63 2.35 7.67
N GLY A 135 7.46 2.90 7.35
CA GLY A 135 7.35 4.01 6.40
C GLY A 135 6.20 4.95 6.74
N ILE A 136 6.28 6.17 6.22
CA ILE A 136 5.25 7.19 6.43
C ILE A 136 4.98 7.98 5.17
N GLY A 137 3.84 8.66 5.14
CA GLY A 137 3.43 9.49 4.01
C GLY A 137 2.43 8.78 3.13
N SER A 138 2.00 9.47 2.07
CA SER A 138 0.93 8.99 1.20
C SER A 138 1.26 7.71 0.42
N GLY A 139 2.53 7.43 0.19
CA GLY A 139 2.93 6.22 -0.53
C GLY A 139 3.45 5.10 0.34
N ARG A 140 3.24 5.18 1.66
CA ARG A 140 3.89 4.24 2.59
C ARG A 140 3.33 2.82 2.55
N ASN A 141 2.04 2.68 2.25
CA ASN A 141 1.43 1.35 2.16
C ASN A 141 2.04 0.51 1.04
N TYR A 142 2.30 1.14 -0.10
CA TYR A 142 2.99 0.48 -1.21
C TYR A 142 4.41 0.10 -0.79
N ALA A 143 5.08 1.02 -0.08
CA ALA A 143 6.45 0.81 0.39
C ALA A 143 6.56 -0.34 1.37
N LEU A 144 5.62 -0.41 2.32
CA LEU A 144 5.61 -1.48 3.33
C LEU A 144 5.47 -2.86 2.69
N GLY A 145 4.56 -2.98 1.73
CA GLY A 145 4.38 -4.22 0.98
C GLY A 145 5.63 -4.66 0.23
N ALA A 146 6.32 -3.70 -0.36
CA ALA A 146 7.55 -3.99 -1.12
C ALA A 146 8.68 -4.45 -0.21
N MET A 147 8.89 -3.71 0.88
CA MET A 147 9.98 -4.02 1.82
C MET A 147 9.74 -5.35 2.54
N HIS A 148 8.48 -5.61 2.91
CA HIS A 148 8.09 -6.88 3.51
C HIS A 148 8.38 -8.05 2.58
N ALA A 149 8.07 -7.87 1.30
CA ALA A 149 8.26 -8.92 0.29
C ALA A 149 9.73 -9.26 0.04
N VAL A 150 10.63 -8.29 0.21
CA VAL A 150 12.05 -8.48 -0.14
C VAL A 150 13.04 -8.49 1.03
N TYR A 151 12.57 -8.22 2.26
CA TYR A 151 13.49 -8.06 3.40
C TYR A 151 14.44 -9.24 3.63
N ASP A 152 13.94 -10.47 3.48
CA ASP A 152 14.72 -11.68 3.77
C ASP A 152 15.68 -12.12 2.66
N ARG A 153 15.71 -11.38 1.55
CA ARG A 153 16.66 -11.65 0.46
C ARG A 153 18.09 -11.48 0.96
N THR A 154 18.92 -12.53 0.80
CA THR A 154 20.29 -12.51 1.33
C THR A 154 21.20 -11.52 0.62
N ASP A 155 20.90 -11.20 -0.65
CA ASP A 155 21.70 -10.26 -1.44
C ASP A 155 21.37 -8.78 -1.20
N LEU A 156 20.35 -8.49 -0.39
CA LEU A 156 19.89 -7.12 -0.16
C LEU A 156 20.25 -6.61 1.24
N ASP A 157 20.98 -5.50 1.30
CA ASP A 157 21.28 -4.83 2.57
C ASP A 157 20.20 -3.79 2.91
N ALA A 158 20.37 -3.08 4.03
CA ALA A 158 19.36 -2.11 4.48
C ALA A 158 19.13 -0.96 3.49
N GLY A 159 20.21 -0.48 2.86
CA GLY A 159 20.13 0.58 1.87
C GLY A 159 19.33 0.17 0.64
N ALA A 160 19.57 -1.04 0.17
CA ALA A 160 18.88 -1.58 -1.01
C ALA A 160 17.39 -1.81 -0.76
N ILE A 161 17.06 -2.25 0.46
CA ILE A 161 15.68 -2.47 0.85
C ILE A 161 14.91 -1.14 0.91
N ALA A 162 15.59 -0.10 1.42
CA ALA A 162 15.01 1.24 1.50
C ALA A 162 14.72 1.84 0.12
N ARG A 163 15.66 1.64 -0.81
CA ARG A 163 15.48 2.10 -2.19
C ARG A 163 14.26 1.44 -2.82
N ILE A 164 14.15 0.13 -2.65
CA ILE A 164 13.00 -0.65 -3.14
C ILE A 164 11.68 -0.16 -2.53
N GLY A 165 11.72 0.23 -1.26
CA GLY A 165 10.55 0.80 -0.60
C GLY A 165 10.10 2.11 -1.23
N VAL A 166 11.05 3.01 -1.47
CA VAL A 166 10.73 4.31 -2.07
C VAL A 166 10.31 4.15 -3.54
N GLU A 167 10.95 3.23 -4.27
CA GLU A 167 10.57 2.92 -5.65
C GLU A 167 9.08 2.53 -5.75
N ALA A 168 8.61 1.71 -4.83
CA ALA A 168 7.21 1.27 -4.80
C ALA A 168 6.25 2.43 -4.57
N GLY A 169 6.62 3.34 -3.65
CA GLY A 169 5.83 4.55 -3.42
C GLY A 169 5.74 5.44 -4.65
N ILE A 170 6.89 5.65 -5.31
CA ILE A 170 6.94 6.46 -6.53
C ILE A 170 6.13 5.82 -7.67
N GLU A 171 6.16 4.50 -7.76
CA GLU A 171 5.45 3.78 -8.82
C GLU A 171 3.94 4.00 -8.79
N PHE A 172 3.36 4.02 -7.59
CA PHE A 172 1.90 4.00 -7.44
C PHE A 172 1.27 5.28 -6.87
N ASP A 173 2.03 6.10 -6.15
CA ASP A 173 1.51 7.31 -5.52
C ASP A 173 1.81 8.56 -6.36
N LYS A 174 0.76 9.30 -6.72
CA LYS A 174 0.92 10.55 -7.47
C LYS A 174 1.64 11.65 -6.67
N SER A 175 1.52 11.59 -5.34
CA SER A 175 2.22 12.51 -4.44
C SER A 175 3.64 12.07 -4.04
N SER A 176 4.22 11.13 -4.79
CA SER A 176 5.61 10.73 -4.62
C SER A 176 6.32 10.77 -5.97
N ALA A 177 7.55 11.27 -5.99
CA ALA A 177 8.30 11.39 -7.25
C ALA A 177 9.82 11.22 -7.07
N ALA A 178 10.45 10.70 -8.12
CA ALA A 178 11.91 10.60 -8.22
C ALA A 178 12.54 12.00 -8.23
N PRO A 179 13.84 12.10 -7.93
CA PRO A 179 14.80 11.04 -7.61
C PRO A 179 14.72 10.55 -6.15
N ILE A 180 15.31 9.40 -5.90
CA ILE A 180 15.31 8.76 -4.59
C ILE A 180 16.58 9.16 -3.83
N ASP A 181 16.42 9.51 -2.55
CA ASP A 181 17.54 9.85 -1.68
C ASP A 181 17.65 8.80 -0.57
N VAL A 182 18.80 8.12 -0.50
CA VAL A 182 19.02 7.09 0.51
C VAL A 182 20.35 7.34 1.22
N HIS A 183 20.33 7.22 2.55
CA HIS A 183 21.54 7.30 3.37
C HIS A 183 21.62 6.09 4.28
N THR A 184 22.81 5.52 4.42
CA THR A 184 23.02 4.36 5.28
C THR A 184 23.97 4.71 6.42
N VAL A 185 23.80 4.05 7.56
CA VAL A 185 24.62 4.27 8.75
C VAL A 185 24.89 2.93 9.44
N ARG A 186 26.13 2.73 9.88
CA ARG A 186 26.50 1.50 10.59
C ARG A 186 26.08 1.58 12.05
N LEU A 187 25.49 0.50 12.56
CA LEU A 187 25.10 0.41 13.97
C LEU A 187 26.33 0.37 14.87
N GLN A 188 26.22 0.97 16.05
CA GLN A 188 27.33 1.05 17.00
C GLN A 188 27.58 -0.29 17.68
N THR B 1 -10.55 -7.19 2.26
CA THR B 1 -10.24 -8.11 1.13
C THR B 1 -8.94 -7.72 0.42
N THR B 2 -8.17 -8.73 0.04
CA THR B 2 -7.06 -8.58 -0.89
C THR B 2 -7.23 -9.64 -1.97
N CYS B 3 -7.49 -9.19 -3.19
CA CYS B 3 -7.58 -10.07 -4.36
C CYS B 3 -6.67 -9.53 -5.45
N VAL B 4 -5.88 -10.42 -6.06
CA VAL B 4 -4.94 -10.02 -7.11
C VAL B 4 -5.02 -10.93 -8.31
N VAL B 5 -4.59 -10.41 -9.47
CA VAL B 5 -4.41 -11.21 -10.67
C VAL B 5 -3.00 -10.94 -11.20
N VAL B 6 -2.38 -11.96 -11.79
CA VAL B 6 -1.01 -11.85 -12.30
C VAL B 6 -0.91 -12.54 -13.65
N ARG B 7 -0.06 -11.99 -14.52
CA ARG B 7 0.26 -12.59 -15.81
C ARG B 7 1.77 -12.54 -16.01
N LYS B 8 2.36 -13.68 -16.32
CA LYS B 8 3.80 -13.77 -16.57
C LYS B 8 4.11 -15.02 -17.38
N GLY B 9 4.76 -14.84 -18.52
CA GLY B 9 5.13 -15.96 -19.39
C GLY B 9 3.90 -16.58 -20.05
N ASP B 10 3.73 -17.89 -19.86
CA ASP B 10 2.60 -18.63 -20.44
C ASP B 10 1.52 -18.94 -19.40
N GLU B 11 1.57 -18.28 -18.25
CA GLU B 11 0.67 -18.56 -17.13
C GLU B 11 0.03 -17.28 -16.59
N VAL B 12 -1.21 -17.39 -16.12
CA VAL B 12 -1.83 -16.34 -15.31
C VAL B 12 -2.22 -16.93 -13.95
N ALA B 13 -2.43 -16.06 -12.98
CA ALA B 13 -2.84 -16.48 -11.66
C ALA B 13 -3.84 -15.52 -11.05
N ILE B 14 -4.70 -16.03 -10.18
CA ILE B 14 -5.59 -15.20 -9.36
C ILE B 14 -5.41 -15.63 -7.91
N GLY B 15 -5.28 -14.63 -7.02
CA GLY B 15 -5.07 -14.88 -5.60
C GLY B 15 -6.03 -14.07 -4.74
N ALA B 16 -6.48 -14.67 -3.64
CA ALA B 16 -7.40 -13.99 -2.72
C ALA B 16 -7.22 -14.46 -1.27
N ASP B 17 -7.57 -13.59 -0.33
CA ASP B 17 -7.61 -13.94 1.09
C ASP B 17 -8.94 -14.61 1.41
N ALA B 18 -9.15 -14.97 2.67
CA ALA B 18 -10.33 -15.74 3.07
C ALA B 18 -11.32 -15.01 3.99
N LEU B 19 -10.97 -13.83 4.48
CA LEU B 19 -11.80 -13.16 5.49
C LEU B 19 -13.17 -12.77 4.93
N VAL B 20 -14.22 -13.17 5.62
CA VAL B 20 -15.58 -12.78 5.28
C VAL B 20 -16.29 -12.29 6.54
N THR B 21 -16.99 -11.16 6.42
CA THR B 21 -17.64 -10.52 7.56
C THR B 21 -19.02 -9.99 7.20
N PHE B 22 -19.90 -9.94 8.20
CA PHE B 22 -21.12 -9.15 8.13
C PHE B 22 -20.83 -7.88 8.92
N GLY B 23 -20.40 -6.83 8.23
CA GLY B 23 -19.97 -5.59 8.88
C GLY B 23 -18.66 -5.81 9.61
N ASP B 24 -18.66 -5.49 10.92
CA ASP B 24 -17.48 -5.67 11.77
C ASP B 24 -17.39 -7.05 12.41
N THR B 25 -18.47 -7.84 12.30
CA THR B 25 -18.51 -9.18 12.90
C THR B 25 -18.03 -10.25 11.92
N ARG B 26 -16.97 -10.96 12.29
CA ARG B 26 -16.42 -12.02 11.45
C ARG B 26 -17.35 -13.24 11.36
N LEU B 27 -17.41 -13.82 10.16
CA LEU B 27 -18.17 -15.04 9.90
C LEU B 27 -17.20 -16.19 9.64
N SER B 28 -17.27 -17.25 10.45
CA SER B 28 -16.44 -18.44 10.26
C SER B 28 -17.07 -19.35 9.21
N ARG B 29 -16.22 -19.90 8.34
CA ARG B 29 -16.69 -20.72 7.22
C ARG B 29 -15.98 -22.07 7.13
N ALA B 30 -16.54 -22.95 6.30
CA ALA B 30 -15.94 -24.25 6.03
C ALA B 30 -14.78 -24.08 5.05
N ASN B 34 -12.83 -21.21 0.00
CA ASN B 34 -12.86 -19.75 -0.19
C ASN B 34 -14.17 -19.31 -0.82
N GLN B 35 -14.80 -18.30 -0.21
CA GLN B 35 -16.11 -17.83 -0.65
C GLN B 35 -16.05 -16.77 -1.74
N LYS B 36 -14.99 -15.97 -1.77
CA LYS B 36 -14.92 -14.82 -2.68
C LYS B 36 -14.28 -15.08 -4.06
N VAL B 37 -13.70 -16.28 -4.25
CA VAL B 37 -13.19 -16.68 -5.56
C VAL B 37 -14.06 -17.79 -6.15
N ILE B 38 -14.61 -17.54 -7.33
CA ILE B 38 -15.62 -18.42 -7.92
C ILE B 38 -15.11 -19.00 -9.25
N PRO B 39 -15.21 -20.34 -9.41
CA PRO B 39 -14.99 -20.91 -10.73
C PRO B 39 -16.22 -20.73 -11.62
N VAL B 40 -16.04 -20.07 -12.76
CA VAL B 40 -17.12 -19.83 -13.72
C VAL B 40 -16.69 -20.40 -15.06
N GLY B 41 -17.13 -21.62 -15.36
CA GLY B 41 -16.65 -22.35 -16.53
C GLY B 41 -15.20 -22.73 -16.31
N ASP B 42 -14.32 -22.21 -17.17
CA ASP B 42 -12.88 -22.42 -17.03
C ASP B 42 -12.14 -21.12 -16.65
N SER B 43 -12.88 -20.14 -16.15
CA SER B 43 -12.32 -18.91 -15.61
C SER B 43 -12.45 -18.90 -14.09
N PHE B 44 -11.70 -18.01 -13.45
CA PHE B 44 -11.85 -17.77 -12.02
C PHE B 44 -12.17 -16.29 -11.79
N VAL B 45 -13.20 -16.02 -10.99
CA VAL B 45 -13.67 -14.65 -10.74
C VAL B 45 -13.56 -14.33 -9.25
N GLY B 46 -12.88 -13.23 -8.93
CA GLY B 46 -12.72 -12.79 -7.53
C GLY B 46 -13.60 -11.59 -7.24
N LEU B 47 -14.51 -11.73 -6.28
CA LEU B 47 -15.54 -10.71 -6.02
C LEU B 47 -15.10 -9.63 -5.04
N ALA B 48 -15.29 -8.37 -5.45
CA ALA B 48 -15.05 -7.21 -4.59
C ALA B 48 -16.29 -6.95 -3.72
N GLY B 49 -16.10 -6.13 -2.68
CA GLY B 49 -17.23 -5.66 -1.87
C GLY B 49 -17.65 -6.57 -0.73
N THR B 50 -18.77 -6.21 -0.10
CA THR B 50 -19.26 -6.88 1.11
C THR B 50 -19.71 -8.32 0.87
N THR B 51 -19.50 -9.17 1.88
CA THR B 51 -19.93 -10.57 1.85
C THR B 51 -21.43 -10.72 1.64
N ALA B 52 -22.20 -9.76 2.15
CA ALA B 52 -23.65 -9.77 2.04
C ALA B 52 -24.18 -9.88 0.60
N HIS B 53 -23.41 -9.39 -0.37
CA HIS B 53 -23.83 -9.43 -1.78
C HIS B 53 -23.23 -10.58 -2.61
N PHE B 54 -22.51 -11.49 -1.97
CA PHE B 54 -21.90 -12.64 -2.67
C PHE B 54 -22.89 -13.67 -3.23
N PRO B 55 -23.91 -14.06 -2.43
CA PRO B 55 -24.77 -15.18 -2.87
C PRO B 55 -25.46 -14.99 -4.22
N VAL B 56 -26.02 -13.81 -4.47
CA VAL B 56 -26.68 -13.54 -5.76
C VAL B 56 -25.66 -13.59 -6.90
N MET B 57 -24.51 -12.96 -6.72
CA MET B 57 -23.46 -12.93 -7.74
C MET B 57 -22.92 -14.33 -8.07
N ARG B 58 -22.71 -15.16 -7.04
CA ARG B 58 -22.27 -16.53 -7.24
C ARG B 58 -23.33 -17.33 -8.01
N SER B 59 -24.59 -17.17 -7.59
CA SER B 59 -25.71 -17.87 -8.21
C SER B 59 -25.92 -17.46 -9.68
N LEU B 60 -25.73 -16.18 -9.96
CA LEU B 60 -25.93 -15.64 -11.31
C LEU B 60 -24.83 -16.10 -12.28
N LEU B 61 -23.58 -15.91 -11.89
CA LEU B 61 -22.44 -16.24 -12.75
C LEU B 61 -22.29 -17.73 -13.03
N THR B 62 -22.49 -18.56 -12.01
CA THR B 62 -22.34 -20.02 -12.16
C THR B 62 -23.54 -20.64 -12.89
N GLY B 63 -24.69 -19.97 -12.84
CA GLY B 63 -25.89 -20.44 -13.54
C GLY B 63 -25.91 -20.12 -15.03
N MET B 64 -25.18 -19.08 -15.43
CA MET B 64 -25.14 -18.65 -16.84
C MET B 64 -24.63 -19.75 -17.77
N GLY B 65 -23.45 -20.28 -17.46
CA GLY B 65 -22.87 -21.37 -18.24
C GLY B 65 -22.26 -20.92 -19.56
N GLU B 66 -22.93 -21.23 -20.66
CA GLU B 66 -22.40 -20.98 -22.00
C GLU B 66 -22.46 -19.51 -22.41
N GLU B 67 -23.49 -18.79 -21.96
CA GLU B 67 -23.63 -17.37 -22.27
C GLU B 67 -22.68 -16.46 -21.46
N CYS B 68 -21.92 -17.05 -20.53
CA CYS B 68 -20.90 -16.33 -19.79
C CYS B 68 -19.53 -16.55 -20.44
N ARG B 69 -19.20 -15.68 -21.39
CA ARG B 69 -17.95 -15.77 -22.15
C ARG B 69 -16.97 -14.70 -21.68
N LEU B 70 -15.75 -15.09 -21.33
CA LEU B 70 -14.82 -14.22 -20.61
C LEU B 70 -13.37 -14.17 -21.16
N HIS B 71 -13.11 -14.76 -22.32
CA HIS B 71 -11.73 -14.92 -22.78
C HIS B 71 -11.17 -13.74 -23.58
N THR B 72 -11.99 -12.73 -23.84
CA THR B 72 -11.52 -11.47 -24.44
C THR B 72 -12.19 -10.29 -23.75
N ARG B 73 -11.59 -9.11 -23.93
CA ARG B 73 -12.09 -7.87 -23.31
C ARG B 73 -13.53 -7.57 -23.75
N ASP B 74 -13.80 -7.71 -25.05
CA ASP B 74 -15.15 -7.50 -25.59
C ASP B 74 -16.16 -8.52 -25.07
N ASP B 75 -15.73 -9.78 -24.95
CA ASP B 75 -16.61 -10.83 -24.42
C ASP B 75 -16.97 -10.57 -22.97
N VAL B 76 -15.96 -10.25 -22.15
CA VAL B 76 -16.18 -9.93 -20.75
C VAL B 76 -17.14 -8.74 -20.66
N PHE B 77 -16.92 -7.74 -21.51
CA PHE B 77 -17.76 -6.56 -21.55
C PHE B 77 -19.23 -6.90 -21.85
N ARG B 78 -19.48 -7.63 -22.93
CA ARG B 78 -20.86 -8.00 -23.29
C ARG B 78 -21.50 -8.91 -22.25
N THR B 79 -20.70 -9.80 -21.65
CA THR B 79 -21.19 -10.71 -20.63
C THR B 79 -21.70 -9.97 -19.40
N PHE B 80 -20.92 -9.00 -18.92
CA PHE B 80 -21.30 -8.26 -17.72
C PHE B 80 -22.38 -7.20 -17.95
N LEU B 81 -22.55 -6.75 -19.19
CA LEU B 81 -23.76 -5.99 -19.56
C LEU B 81 -25.00 -6.86 -19.33
N LYS B 82 -24.88 -8.14 -19.65
CA LYS B 82 -25.97 -9.10 -19.45
C LYS B 82 -26.19 -9.40 -17.96
N VAL B 83 -25.09 -9.43 -17.20
CA VAL B 83 -25.16 -9.58 -15.74
C VAL B 83 -25.94 -8.43 -15.12
N HIS B 84 -25.66 -7.21 -15.57
CA HIS B 84 -26.41 -6.02 -15.14
C HIS B 84 -27.92 -6.16 -15.39
N GLU B 85 -28.29 -6.59 -16.59
CA GLU B 85 -29.70 -6.75 -16.94
C GLU B 85 -30.40 -7.84 -16.12
N LYS B 86 -29.72 -8.97 -15.92
CA LYS B 86 -30.25 -10.05 -15.09
C LYS B 86 -30.46 -9.62 -13.63
N LEU B 87 -29.50 -8.90 -13.07
CA LEU B 87 -29.64 -8.37 -11.71
C LEU B 87 -30.91 -7.52 -11.56
N LYS B 88 -31.19 -6.69 -12.56
CA LYS B 88 -32.37 -5.81 -12.53
C LYS B 88 -33.68 -6.56 -12.76
N ASN B 89 -33.72 -7.38 -13.80
CA ASN B 89 -34.96 -8.03 -14.23
C ASN B 89 -35.31 -9.30 -13.45
N GLU B 90 -34.32 -10.07 -13.05
CA GLU B 90 -34.54 -11.33 -12.32
C GLU B 90 -34.46 -11.16 -10.80
N TYR B 91 -33.45 -10.42 -10.33
CA TYR B 91 -33.19 -10.28 -8.89
C TYR B 91 -33.60 -8.92 -8.32
N PHE B 92 -34.07 -8.01 -9.18
CA PHE B 92 -34.54 -6.69 -8.77
C PHE B 92 -33.48 -5.91 -7.97
N ILE B 93 -32.24 -5.94 -8.48
CA ILE B 93 -31.11 -5.21 -7.87
C ILE B 93 -30.64 -4.14 -8.84
N ASN B 94 -30.34 -2.96 -8.30
CA ASN B 94 -29.93 -1.81 -9.11
C ASN B 94 -28.40 -1.67 -9.18
N THR B 95 -27.91 -1.34 -10.37
CA THR B 95 -26.49 -1.05 -10.60
C THR B 95 -26.35 0.13 -11.57
N LYS B 96 -26.57 1.34 -11.06
CA LYS B 96 -26.58 2.55 -11.87
C LYS B 96 -25.16 3.00 -12.15
N GLU B 97 -24.94 3.64 -13.30
CA GLU B 97 -23.72 4.41 -13.53
C GLU B 97 -24.06 5.79 -14.09
N ASP B 98 -23.49 6.82 -13.48
CA ASP B 98 -23.53 8.17 -14.01
C ASP B 98 -22.12 8.55 -14.47
N GLU B 99 -22.03 9.14 -15.65
CA GLU B 99 -20.74 9.50 -16.25
C GLU B 99 -19.99 10.57 -15.44
N ASP B 100 -20.73 11.49 -14.83
CA ASP B 100 -20.11 12.59 -14.08
C ASP B 100 -19.59 12.19 -12.69
N ASP B 101 -19.87 10.96 -12.25
CA ASP B 101 -19.35 10.46 -10.97
C ASP B 101 -17.85 10.25 -11.03
N PRO B 102 -17.14 10.52 -9.91
CA PRO B 102 -15.71 10.24 -9.86
C PRO B 102 -15.46 8.77 -9.57
N TYR B 103 -14.18 8.39 -9.47
CA TYR B 103 -13.81 7.03 -9.14
C TYR B 103 -14.30 6.67 -7.73
N GLU B 104 -14.94 5.50 -7.61
CA GLU B 104 -15.42 4.99 -6.31
C GLU B 104 -15.12 3.50 -6.19
N SER B 105 -14.54 3.10 -5.05
CA SER B 105 -14.18 1.71 -4.81
C SER B 105 -15.37 0.76 -4.77
N SER B 106 -16.53 1.27 -4.35
CA SER B 106 -17.75 0.48 -4.27
C SER B 106 -18.36 0.13 -5.64
N GLN B 107 -17.80 0.70 -6.71
CA GLN B 107 -18.21 0.35 -8.08
C GLN B 107 -17.40 -0.80 -8.69
N ILE B 108 -16.35 -1.24 -8.00
CA ILE B 108 -15.54 -2.37 -8.49
C ILE B 108 -16.35 -3.65 -8.36
N VAL B 109 -16.39 -4.44 -9.43
CA VAL B 109 -17.16 -5.69 -9.43
C VAL B 109 -16.26 -6.90 -9.16
N CYS B 110 -15.24 -7.09 -9.98
CA CYS B 110 -14.39 -8.27 -9.87
C CYS B 110 -13.09 -8.19 -10.69
N LEU B 111 -12.17 -9.09 -10.36
CA LEU B 111 -11.02 -9.41 -11.21
C LEU B 111 -11.27 -10.78 -11.82
N ILE B 112 -10.70 -11.01 -13.00
CA ILE B 112 -10.92 -12.25 -13.75
C ILE B 112 -9.60 -12.80 -14.29
N ALA B 113 -9.45 -14.12 -14.22
CA ALA B 113 -8.27 -14.80 -14.76
C ALA B 113 -8.68 -16.05 -15.54
N ASN B 114 -8.20 -16.14 -16.78
CA ASN B 114 -8.43 -17.32 -17.62
C ASN B 114 -7.35 -17.42 -18.69
N SER B 115 -7.47 -18.41 -19.59
CA SER B 115 -6.46 -18.61 -20.64
C SER B 115 -6.39 -17.47 -21.66
N GLY B 116 -7.38 -16.59 -21.67
CA GLY B 116 -7.38 -15.40 -22.52
C GLY B 116 -6.61 -14.21 -21.94
N GLY B 117 -6.36 -14.23 -20.63
CA GLY B 117 -5.64 -13.14 -19.97
C GLY B 117 -6.23 -12.81 -18.60
N ILE B 118 -5.87 -11.64 -18.07
CA ILE B 118 -6.38 -11.18 -16.78
C ILE B 118 -7.13 -9.85 -16.93
N PHE B 119 -8.29 -9.75 -16.28
CA PHE B 119 -9.21 -8.62 -16.49
C PHE B 119 -9.77 -8.06 -15.19
N GLY B 120 -10.25 -6.82 -15.27
CA GLY B 120 -10.99 -6.17 -14.18
C GLY B 120 -12.25 -5.51 -14.70
N VAL B 121 -13.31 -5.55 -13.90
CA VAL B 121 -14.62 -5.00 -14.30
C VAL B 121 -15.05 -3.93 -13.30
N TYR B 122 -15.40 -2.75 -13.84
CA TYR B 122 -15.82 -1.61 -13.01
C TYR B 122 -17.24 -1.20 -13.40
N SER B 123 -18.14 -1.24 -12.43
CA SER B 123 -19.54 -0.80 -12.62
C SER B 123 -20.30 -1.60 -13.68
N TYR B 124 -19.91 -2.87 -13.86
CA TYR B 124 -20.58 -3.80 -14.78
C TYR B 124 -20.51 -3.40 -16.26
N ARG B 125 -19.70 -2.40 -16.60
CA ARG B 125 -19.71 -1.79 -17.93
C ARG B 125 -18.31 -1.48 -18.46
N GLU B 126 -17.41 -1.06 -17.58
CA GLU B 126 -16.06 -0.64 -17.97
C GLU B 126 -15.06 -1.78 -17.69
N VAL B 127 -14.52 -2.37 -18.75
CA VAL B 127 -13.63 -3.53 -18.63
C VAL B 127 -12.20 -3.20 -19.02
N PHE B 128 -11.25 -3.59 -18.16
CA PHE B 128 -9.83 -3.38 -18.37
C PHE B 128 -9.08 -4.70 -18.52
N SER B 129 -8.01 -4.68 -19.31
CA SER B 129 -7.08 -5.80 -19.42
C SER B 129 -5.74 -5.36 -18.84
N PHE B 130 -5.06 -6.27 -18.14
CA PHE B 130 -3.79 -5.96 -17.48
C PHE B 130 -2.66 -6.79 -18.07
N ASP B 131 -1.47 -6.19 -18.16
CA ASP B 131 -0.30 -6.82 -18.77
C ASP B 131 0.49 -7.68 -17.78
N ARG B 132 0.70 -7.17 -16.57
CA ARG B 132 1.52 -7.85 -15.57
C ARG B 132 0.74 -8.24 -14.31
N PHE B 133 0.09 -7.26 -13.68
CA PHE B 133 -0.71 -7.52 -12.47
C PHE B 133 -1.65 -6.37 -12.10
N TRP B 134 -2.61 -6.68 -11.24
CA TRP B 134 -3.41 -5.67 -10.54
C TRP B 134 -4.05 -6.30 -9.28
N GLY B 135 -4.59 -5.46 -8.40
CA GLY B 135 -5.27 -5.93 -7.21
C GLY B 135 -6.40 -5.01 -6.78
N ILE B 136 -7.32 -5.55 -5.99
CA ILE B 136 -8.47 -4.79 -5.48
C ILE B 136 -8.77 -5.13 -4.02
N GLY B 137 -9.53 -4.26 -3.38
CA GLY B 137 -9.93 -4.44 -1.98
C GLY B 137 -9.07 -3.61 -1.04
N SER B 138 -9.38 -3.71 0.25
CA SER B 138 -8.74 -2.87 1.27
C SER B 138 -7.23 -3.09 1.44
N GLY B 139 -6.73 -4.27 1.08
CA GLY B 139 -5.30 -4.55 1.19
C GLY B 139 -4.51 -4.47 -0.10
N ARG B 140 -5.10 -3.90 -1.16
CA ARG B 140 -4.51 -3.97 -2.50
C ARG B 140 -3.26 -3.10 -2.68
N ASN B 141 -3.18 -1.98 -1.98
CA ASN B 141 -2.00 -1.11 -2.08
C ASN B 141 -0.73 -1.80 -1.57
N TYR B 142 -0.86 -2.55 -0.48
CA TYR B 142 0.23 -3.36 0.04
C TYR B 142 0.61 -4.43 -0.98
N ALA B 143 -0.40 -5.07 -1.57
CA ALA B 143 -0.21 -6.13 -2.56
C ALA B 143 0.50 -5.63 -3.82
N LEU B 144 0.08 -4.47 -4.32
CA LEU B 144 0.69 -3.88 -5.51
C LEU B 144 2.18 -3.59 -5.33
N GLY B 145 2.53 -3.03 -4.18
CA GLY B 145 3.93 -2.77 -3.83
C GLY B 145 4.78 -4.03 -3.76
N ALA B 146 4.20 -5.11 -3.21
CA ALA B 146 4.91 -6.38 -3.10
C ALA B 146 5.14 -7.03 -4.46
N MET B 147 4.09 -7.09 -5.27
CA MET B 147 4.16 -7.71 -6.59
C MET B 147 5.08 -6.94 -7.53
N HIS B 148 5.03 -5.60 -7.46
CA HIS B 148 5.93 -4.75 -8.22
C HIS B 148 7.39 -5.01 -7.87
N ALA B 149 7.65 -5.16 -6.56
CA ALA B 149 9.02 -5.36 -6.07
C ALA B 149 9.61 -6.71 -6.49
N VAL B 150 8.77 -7.73 -6.69
CA VAL B 150 9.24 -9.09 -6.97
C VAL B 150 8.95 -9.64 -8.38
N TYR B 151 8.19 -8.91 -9.20
CA TYR B 151 7.74 -9.43 -10.49
C TYR B 151 8.87 -9.94 -11.41
N ASP B 152 9.99 -9.21 -11.46
CA ASP B 152 11.10 -9.53 -12.37
C ASP B 152 12.03 -10.64 -11.87
N ARG B 153 11.78 -11.19 -10.69
CA ARG B 153 12.55 -12.32 -10.17
C ARG B 153 12.40 -13.54 -11.09
N THR B 154 13.53 -14.07 -11.57
CA THR B 154 13.51 -15.17 -12.54
C THR B 154 13.00 -16.49 -11.96
N ASP B 155 13.12 -16.67 -10.65
CA ASP B 155 12.65 -17.88 -9.97
C ASP B 155 11.15 -17.88 -9.61
N LEU B 156 10.46 -16.77 -9.85
CA LEU B 156 9.03 -16.64 -9.49
C LEU B 156 8.11 -16.67 -10.70
N ASP B 157 7.15 -17.61 -10.70
CA ASP B 157 6.10 -17.66 -11.73
C ASP B 157 4.88 -16.83 -11.31
N ALA B 158 3.84 -16.82 -12.13
CA ALA B 158 2.64 -16.01 -11.87
C ALA B 158 1.93 -16.40 -10.56
N GLY B 159 1.86 -17.69 -10.28
CA GLY B 159 1.24 -18.19 -9.05
C GLY B 159 1.96 -17.74 -7.80
N ALA B 160 3.29 -17.79 -7.84
CA ALA B 160 4.12 -17.38 -6.70
C ALA B 160 4.04 -15.87 -6.44
N ILE B 161 3.95 -15.08 -7.52
CA ILE B 161 3.83 -13.63 -7.40
C ILE B 161 2.49 -13.24 -6.78
N ALA B 162 1.43 -13.96 -7.16
CA ALA B 162 0.09 -13.75 -6.61
C ALA B 162 0.02 -14.07 -5.12
N ARG B 163 0.67 -15.16 -4.72
CA ARG B 163 0.74 -15.54 -3.30
C ARG B 163 1.42 -14.44 -2.48
N ILE B 164 2.55 -13.96 -2.98
CA ILE B 164 3.30 -12.86 -2.37
C ILE B 164 2.45 -11.58 -2.25
N GLY B 165 1.61 -11.32 -3.26
CA GLY B 165 0.69 -10.19 -3.23
C GLY B 165 -0.34 -10.30 -2.11
N VAL B 166 -0.95 -11.47 -1.99
CA VAL B 166 -1.95 -11.69 -0.95
C VAL B 166 -1.31 -11.71 0.44
N GLU B 167 -0.12 -12.30 0.55
CA GLU B 167 0.64 -12.29 1.82
C GLU B 167 0.82 -10.86 2.36
N ALA B 168 1.18 -9.94 1.47
CA ALA B 168 1.39 -8.54 1.84
C ALA B 168 0.11 -7.89 2.36
N GLY B 169 -1.01 -8.17 1.70
CA GLY B 169 -2.31 -7.68 2.13
C GLY B 169 -2.68 -8.19 3.51
N ILE B 170 -2.48 -9.50 3.74
CA ILE B 170 -2.75 -10.13 5.03
C ILE B 170 -1.85 -9.56 6.14
N GLU B 171 -0.60 -9.29 5.80
CA GLU B 171 0.37 -8.78 6.77
C GLU B 171 -0.05 -7.44 7.38
N PHE B 172 -0.58 -6.54 6.56
CA PHE B 172 -0.81 -5.15 6.96
C PHE B 172 -2.28 -4.72 7.10
N ASP B 173 -3.20 -5.41 6.42
CA ASP B 173 -4.62 -5.04 6.43
C ASP B 173 -5.41 -5.88 7.43
N LYS B 174 -6.09 -5.22 8.36
CA LYS B 174 -6.93 -5.92 9.34
C LYS B 174 -8.15 -6.60 8.70
N SER B 175 -8.60 -6.09 7.56
CA SER B 175 -9.70 -6.68 6.80
C SER B 175 -9.26 -7.74 5.78
N SER B 176 -8.03 -8.26 5.94
CA SER B 176 -7.56 -9.39 5.14
C SER B 176 -7.01 -10.47 6.08
N ALA B 177 -7.30 -11.74 5.78
CA ALA B 177 -6.85 -12.85 6.64
C ALA B 177 -6.56 -14.14 5.87
N ALA B 178 -5.61 -14.91 6.39
CA ALA B 178 -5.29 -16.25 5.90
C ALA B 178 -6.48 -17.19 6.09
N PRO B 179 -6.52 -18.32 5.36
CA PRO B 179 -5.55 -18.82 4.40
C PRO B 179 -5.65 -18.17 3.01
N ILE B 180 -4.61 -18.36 2.22
CA ILE B 180 -4.51 -17.79 0.87
C ILE B 180 -4.99 -18.83 -0.16
N ASP B 181 -5.81 -18.38 -1.09
CA ASP B 181 -6.31 -19.23 -2.19
C ASP B 181 -5.75 -18.72 -3.52
N VAL B 182 -5.00 -19.58 -4.21
CA VAL B 182 -4.40 -19.23 -5.50
C VAL B 182 -4.72 -20.29 -6.54
N HIS B 183 -5.09 -19.84 -7.74
CA HIS B 183 -5.32 -20.72 -8.89
C HIS B 183 -4.55 -20.19 -10.08
N THR B 184 -3.93 -21.10 -10.82
CA THR B 184 -3.15 -20.75 -12.00
C THR B 184 -3.78 -21.36 -13.26
N VAL B 185 -3.61 -20.68 -14.39
CA VAL B 185 -4.15 -21.13 -15.67
C VAL B 185 -3.16 -20.84 -16.78
N ARG B 186 -2.97 -21.78 -17.70
CA ARG B 186 -2.05 -21.59 -18.82
C ARG B 186 -2.73 -20.77 -19.92
N LEU B 187 -2.00 -19.81 -20.48
CA LEU B 187 -2.49 -18.99 -21.59
C LEU B 187 -2.63 -19.83 -22.86
N GLN B 188 -3.65 -19.51 -23.67
CA GLN B 188 -3.94 -20.26 -24.89
C GLN B 188 -2.91 -19.93 -25.99
#